data_4RZH
#
_entry.id   4RZH
#
_cell.length_a   47.602
_cell.length_b   78.196
_cell.length_c   120.856
_cell.angle_alpha   90.00
_cell.angle_beta   90.00
_cell.angle_gamma   90.00
#
_symmetry.space_group_name_H-M   'P 2 21 21'
#
loop_
_entity.id
_entity.type
_entity.pdbx_description
1 polymer '3-oxoacyl-[acyl-carrier protein] reductase'
2 water water
#
_entity_poly.entity_id   1
_entity_poly.type   'polypeptide(L)'
_entity_poly.pdbx_seq_one_letter_code
;MTALTAQVALVTGASRGIGKATALALAATGMKVVVNYAQSSTAADAVVAEIIANGGEAIAVQANVANADEVDQLIKTTLD
KFSRIDVLVNNAGITRDTLLLRMKLEDWQAVIDLNLTGVFLCTKAVSKLMLKQKSGRIINITSVAGMMGNPGQANYSAAK
AGVIGFTKTVAKELASRGVTVNAVAPGFIATDMTENLNAEPILQFIPLARYGQPEEVAGTIRFLATDPAAAYITGQTFNV
DGGMVMF
;
_entity_poly.pdbx_strand_id   A,B
#
# COMPACT_ATOMS: atom_id res chain seq x y z
N ALA A 3 5.61 -4.26 20.99
CA ALA A 3 4.57 -3.26 20.78
C ALA A 3 5.17 -1.98 20.21
N LEU A 4 4.36 -1.24 19.45
CA LEU A 4 4.83 0.00 18.82
C LEU A 4 5.37 1.01 19.84
N THR A 5 4.81 0.96 21.05
CA THR A 5 5.18 1.90 22.10
C THR A 5 6.55 1.62 22.69
N ALA A 6 7.15 0.50 22.31
CA ALA A 6 8.53 0.21 22.71
C ALA A 6 9.45 0.06 21.50
N GLN A 7 8.91 0.38 20.31
CA GLN A 7 9.66 0.22 19.09
C GLN A 7 10.39 1.48 18.71
N VAL A 8 11.42 1.34 17.87
CA VAL A 8 12.29 2.45 17.51
C VAL A 8 12.40 2.59 16.00
N ALA A 9 12.19 3.82 15.50
CA ALA A 9 12.30 4.10 14.07
C ALA A 9 13.46 5.06 13.82
N LEU A 10 14.28 4.75 12.82
CA LEU A 10 15.29 5.69 12.33
C LEU A 10 14.84 6.24 10.99
N VAL A 11 14.64 7.55 10.90
CA VAL A 11 14.30 8.19 9.62
C VAL A 11 15.45 9.09 9.13
N THR A 12 15.99 8.80 7.95
CA THR A 12 17.05 9.64 7.37
C THR A 12 16.47 10.82 6.57
N GLY A 13 17.17 11.95 6.57
CA GLY A 13 16.69 13.15 5.90
C GLY A 13 15.34 13.56 6.45
N ALA A 14 15.28 13.70 7.77
CA ALA A 14 14.01 13.85 8.45
C ALA A 14 13.68 15.29 8.85
N SER A 15 14.50 16.26 8.47
CA SER A 15 14.33 17.62 9.02
C SER A 15 13.19 18.42 8.39
N ARG A 16 12.68 17.96 7.26
CA ARG A 16 11.65 18.72 6.53
C ARG A 16 10.92 17.79 5.55
N GLY A 17 9.83 18.28 4.98
CA GLY A 17 9.17 17.58 3.87
C GLY A 17 8.68 16.20 4.23
N ILE A 18 8.88 15.25 3.32
CA ILE A 18 8.40 13.89 3.53
C ILE A 18 9.02 13.26 4.78
N GLY A 19 10.31 13.53 5.01
CA GLY A 19 11.01 12.96 6.15
C GLY A 19 10.43 13.41 7.49
N LYS A 20 10.16 14.72 7.59
CA LYS A 20 9.59 15.29 8.81
C LYS A 20 8.19 14.75 9.06
N ALA A 21 7.38 14.67 8.00
CA ALA A 21 6.02 14.17 8.15
C ALA A 21 6.06 12.70 8.58
N THR A 22 7.07 11.98 8.11
CA THR A 22 7.23 10.57 8.43
C THR A 22 7.61 10.37 9.89
N ALA A 23 8.54 11.20 10.39
CA ALA A 23 8.95 11.14 11.78
C ALA A 23 7.75 11.41 12.68
N LEU A 24 6.99 12.45 12.34
CA LEU A 24 5.80 12.78 13.11
C LEU A 24 4.80 11.62 13.07
N ALA A 25 4.56 11.05 11.89
CA ALA A 25 3.58 9.97 11.73
C ALA A 25 3.95 8.71 12.53
N LEU A 26 5.23 8.31 12.47
CA LEU A 26 5.67 7.13 13.22
C LEU A 26 5.57 7.39 14.73
N ALA A 27 6.03 8.56 15.16
CA ALA A 27 6.01 8.91 16.58
C ALA A 27 4.58 8.94 17.14
N ALA A 28 3.62 9.30 16.28
CA ALA A 28 2.22 9.33 16.71
C ALA A 28 1.68 7.91 16.93
N THR A 29 2.35 6.89 16.40
CA THR A 29 1.93 5.52 16.68
C THR A 29 2.58 5.04 17.97
N GLY A 30 3.44 5.88 18.53
CA GLY A 30 4.07 5.57 19.80
C GLY A 30 5.54 5.15 19.69
N MET A 31 6.06 5.10 18.47
CA MET A 31 7.47 4.72 18.27
C MET A 31 8.41 5.81 18.76
N LYS A 32 9.57 5.38 19.27
CA LYS A 32 10.66 6.31 19.55
C LYS A 32 11.34 6.61 18.21
N VAL A 33 11.55 7.89 17.90
CA VAL A 33 12.03 8.24 16.57
C VAL A 33 13.38 8.96 16.57
N VAL A 34 14.29 8.49 15.72
CA VAL A 34 15.53 9.20 15.51
C VAL A 34 15.40 10.06 14.25
N VAL A 35 15.46 11.37 14.45
CA VAL A 35 15.34 12.35 13.37
C VAL A 35 16.74 12.68 12.85
N ASN A 36 17.16 11.99 11.78
CA ASN A 36 18.51 12.22 11.24
C ASN A 36 18.51 13.40 10.27
N TYR A 37 19.57 14.20 10.35
CA TYR A 37 19.71 15.35 9.50
C TYR A 37 21.18 15.43 9.16
N ALA A 38 21.52 16.21 8.15
CA ALA A 38 22.92 16.44 7.84
C ALA A 38 23.33 17.86 8.24
N GLN A 39 22.67 18.86 7.66
CA GLN A 39 23.06 20.25 7.88
C GLN A 39 21.91 21.13 8.37
N SER A 40 20.74 20.53 8.60
CA SER A 40 19.59 21.26 9.12
C SER A 40 19.28 20.97 10.59
N SER A 41 20.22 21.30 11.48
CA SER A 41 20.05 20.98 12.89
C SER A 41 18.88 21.73 13.53
N THR A 42 18.75 23.03 13.23
CA THR A 42 17.65 23.83 13.77
C THR A 42 16.30 23.22 13.38
N ALA A 43 16.13 22.94 12.10
CA ALA A 43 14.89 22.33 11.61
C ALA A 43 14.67 20.94 12.23
N ALA A 44 15.75 20.16 12.35
CA ALA A 44 15.64 18.84 12.96
C ALA A 44 15.22 18.94 14.43
N ASP A 45 15.83 19.87 15.15
CA ASP A 45 15.45 20.11 16.55
C ASP A 45 13.98 20.47 16.64
N ALA A 46 13.48 21.21 15.65
CA ALA A 46 12.08 21.62 15.67
C ALA A 46 11.16 20.43 15.45
N VAL A 47 11.58 19.49 14.60
CA VAL A 47 10.80 18.27 14.38
C VAL A 47 10.73 17.47 15.67
N VAL A 48 11.89 17.30 16.32
CA VAL A 48 11.99 16.59 17.59
C VAL A 48 11.08 17.23 18.64
N ALA A 49 11.13 18.56 18.73
CA ALA A 49 10.32 19.31 19.69
C ALA A 49 8.82 19.05 19.51
N GLU A 50 8.37 19.08 18.25
CA GLU A 50 6.96 18.85 17.96
C GLU A 50 6.55 17.42 18.32
N ILE A 51 7.41 16.45 18.03
CA ILE A 51 7.17 15.06 18.42
C ILE A 51 6.97 14.98 19.94
N ILE A 52 7.90 15.57 20.70
CA ILE A 52 7.81 15.58 22.16
C ILE A 52 6.58 16.34 22.65
N ALA A 53 6.32 17.51 22.06
CA ALA A 53 5.16 18.31 22.44
C ALA A 53 3.83 17.56 22.25
N ASN A 54 3.79 16.66 21.26
CA ASN A 54 2.61 15.82 21.05
C ASN A 54 2.63 14.54 21.87
N GLY A 55 3.55 14.44 22.83
CA GLY A 55 3.59 13.31 23.74
C GLY A 55 4.50 12.15 23.35
N GLY A 56 5.34 12.36 22.34
CA GLY A 56 6.21 11.29 21.87
C GLY A 56 7.65 11.34 22.36
N GLU A 57 8.49 10.48 21.78
CA GLU A 57 9.90 10.44 22.08
C GLU A 57 10.71 10.53 20.79
N ALA A 58 11.73 11.38 20.80
CA ALA A 58 12.59 11.54 19.65
C ALA A 58 13.88 12.22 20.04
N ILE A 59 14.92 12.02 19.22
CA ILE A 59 16.16 12.76 19.34
C ILE A 59 16.63 13.11 17.93
N ALA A 60 17.37 14.20 17.79
CA ALA A 60 17.97 14.53 16.51
C ALA A 60 19.41 14.02 16.48
N VAL A 61 19.81 13.36 15.40
CA VAL A 61 21.18 12.88 15.28
C VAL A 61 21.81 13.25 13.95
N GLN A 62 22.91 13.98 14.02
CA GLN A 62 23.63 14.41 12.82
C GLN A 62 24.39 13.28 12.14
N ALA A 63 24.15 13.12 10.84
CA ALA A 63 25.00 12.28 10.02
C ALA A 63 24.68 12.47 8.54
N ASN A 64 25.73 12.54 7.75
CA ASN A 64 25.63 12.51 6.29
C ASN A 64 25.70 11.02 5.91
N VAL A 65 24.56 10.47 5.50
CA VAL A 65 24.48 9.03 5.28
C VAL A 65 25.14 8.53 3.99
N ALA A 66 25.77 9.45 3.25
CA ALA A 66 26.62 9.05 2.13
C ALA A 66 27.97 8.53 2.64
N ASN A 67 28.26 8.80 3.91
CA ASN A 67 29.56 8.43 4.50
C ASN A 67 29.44 7.23 5.45
N ALA A 68 30.22 6.19 5.18
CA ALA A 68 30.06 4.92 5.88
C ALA A 68 30.32 5.04 7.38
N ASP A 69 31.25 5.91 7.74
CA ASP A 69 31.62 6.10 9.14
C ASP A 69 30.53 6.84 9.89
N GLU A 70 29.99 7.89 9.27
CA GLU A 70 28.92 8.64 9.91
C GLU A 70 27.66 7.77 10.07
N VAL A 71 27.47 6.82 9.17
CA VAL A 71 26.33 5.91 9.27
C VAL A 71 26.47 5.02 10.51
N ASP A 72 27.67 4.48 10.73
CA ASP A 72 27.86 3.65 11.91
C ASP A 72 27.73 4.46 13.19
N GLN A 73 28.13 5.73 13.15
CA GLN A 73 27.99 6.60 14.32
C GLN A 73 26.50 6.88 14.57
N LEU A 74 25.76 7.07 13.48
CA LEU A 74 24.30 7.24 13.55
C LEU A 74 23.63 6.05 14.23
N ILE A 75 23.97 4.85 13.79
CA ILE A 75 23.45 3.61 14.39
C ILE A 75 23.84 3.49 15.86
N LYS A 76 25.11 3.74 16.16
CA LYS A 76 25.63 3.65 17.53
C LYS A 76 24.90 4.58 18.50
N THR A 77 24.83 5.87 18.15
CA THR A 77 24.08 6.85 18.94
C THR A 77 22.63 6.39 19.12
N THR A 78 22.04 5.87 18.03
CA THR A 78 20.67 5.37 18.12
C THR A 78 20.58 4.22 19.12
N LEU A 79 21.54 3.31 19.07
CA LEU A 79 21.52 2.16 19.96
C LEU A 79 21.82 2.57 21.42
N ASP A 80 22.78 3.47 21.60
CA ASP A 80 23.09 3.98 22.95
C ASP A 80 21.86 4.57 23.64
N LYS A 81 21.06 5.30 22.86
CA LYS A 81 19.87 5.97 23.38
C LYS A 81 18.66 5.04 23.52
N PHE A 82 18.36 4.26 22.49
CA PHE A 82 17.12 3.49 22.47
C PHE A 82 17.31 1.96 22.47
N SER A 83 18.55 1.50 22.30
CA SER A 83 18.93 0.08 22.47
C SER A 83 18.43 -0.90 21.39
N ARG A 84 17.69 -0.38 20.41
CA ARG A 84 17.18 -1.22 19.33
C ARG A 84 16.75 -0.36 18.14
N ILE A 85 16.65 -1.00 16.97
CA ILE A 85 16.07 -0.38 15.78
C ILE A 85 15.06 -1.34 15.15
N ASP A 86 13.80 -0.92 15.06
CA ASP A 86 12.75 -1.77 14.49
C ASP A 86 12.35 -1.37 13.08
N VAL A 87 12.39 -0.07 12.79
CA VAL A 87 12.18 0.34 11.41
C VAL A 87 13.21 1.34 10.94
N LEU A 88 13.55 1.23 9.67
CA LEU A 88 14.42 2.19 9.01
C LEU A 88 13.66 2.75 7.84
N VAL A 89 13.67 4.07 7.72
CA VAL A 89 13.11 4.71 6.55
C VAL A 89 14.27 5.43 5.87
N ASN A 90 14.66 4.96 4.69
CA ASN A 90 15.71 5.61 3.92
C ASN A 90 15.15 6.73 3.05
N ASN A 91 15.11 7.95 3.59
CA ASN A 91 14.46 9.07 2.90
C ASN A 91 15.44 10.12 2.39
N ALA A 92 16.63 10.15 2.97
CA ALA A 92 17.67 11.11 2.61
C ALA A 92 17.98 11.06 1.10
N GLY A 93 18.01 12.23 0.48
CA GLY A 93 18.28 12.27 -0.95
C GLY A 93 18.50 13.68 -1.46
N ILE A 94 19.12 13.78 -2.63
CA ILE A 94 19.32 15.06 -3.28
C ILE A 94 19.07 14.93 -4.79
N THR A 95 18.83 16.06 -5.44
CA THR A 95 18.83 16.13 -6.88
C THR A 95 19.94 17.06 -7.39
N ARG A 96 20.49 16.73 -8.55
CA ARG A 96 21.42 17.59 -9.28
C ARG A 96 20.96 17.52 -10.74
N ASP A 97 19.92 18.26 -11.06
CA ASP A 97 19.29 18.14 -12.36
C ASP A 97 20.07 18.79 -13.48
N THR A 98 20.19 18.06 -14.58
CA THR A 98 20.62 18.61 -15.86
C THR A 98 20.43 17.54 -16.93
N LEU A 99 20.33 17.99 -18.18
CA LEU A 99 20.28 17.06 -19.30
C LEU A 99 21.55 16.25 -19.34
N LEU A 100 21.45 15.00 -19.79
CA LEU A 100 22.58 14.08 -19.85
C LEU A 100 23.81 14.70 -20.50
N LEU A 101 23.61 15.42 -21.59
CA LEU A 101 24.74 15.91 -22.38
C LEU A 101 25.58 16.96 -21.65
N ARG A 102 25.01 17.56 -20.59
CA ARG A 102 25.68 18.54 -19.76
C ARG A 102 26.01 18.03 -18.36
N MET A 103 25.62 16.79 -18.08
CA MET A 103 25.74 16.26 -16.71
C MET A 103 27.19 15.95 -16.35
N LYS A 104 27.73 16.70 -15.39
CA LYS A 104 29.11 16.46 -14.94
C LYS A 104 29.17 15.17 -14.13
N LEU A 105 30.28 14.46 -14.25
CA LEU A 105 30.50 13.23 -13.50
C LEU A 105 30.27 13.48 -12.00
N GLU A 106 30.78 14.60 -11.49
CA GLU A 106 30.66 14.91 -10.07
C GLU A 106 29.20 15.01 -9.61
N ASP A 107 28.33 15.49 -10.50
CA ASP A 107 26.90 15.64 -10.19
C ASP A 107 26.14 14.33 -10.32
N TRP A 108 26.57 13.50 -11.27
CA TRP A 108 26.08 12.14 -11.37
C TRP A 108 26.47 11.41 -10.09
N GLN A 109 27.77 11.48 -9.74
CA GLN A 109 28.31 10.72 -8.62
C GLN A 109 27.71 11.11 -7.26
N ALA A 110 27.52 12.41 -7.05
CA ALA A 110 27.00 12.88 -5.78
C ALA A 110 25.60 12.33 -5.53
N VAL A 111 24.81 12.23 -6.60
CA VAL A 111 23.45 11.73 -6.51
C VAL A 111 23.41 10.22 -6.25
N ILE A 112 24.27 9.48 -6.95
CA ILE A 112 24.46 8.05 -6.70
C ILE A 112 24.99 7.78 -5.27
N ASP A 113 25.93 8.60 -4.79
CA ASP A 113 26.50 8.43 -3.46
C ASP A 113 25.46 8.50 -2.34
N LEU A 114 24.63 9.53 -2.37
CA LEU A 114 23.63 9.68 -1.32
C LEU A 114 22.38 8.84 -1.55
N ASN A 115 21.78 8.96 -2.74
CA ASN A 115 20.49 8.34 -3.01
C ASN A 115 20.50 6.81 -3.11
N LEU A 116 21.61 6.25 -3.59
CA LEU A 116 21.67 4.79 -3.77
C LEU A 116 22.66 4.16 -2.79
N THR A 117 23.89 4.66 -2.79
CA THR A 117 24.91 4.10 -1.90
C THR A 117 24.57 4.41 -0.42
N GLY A 118 24.02 5.59 -0.14
CA GLY A 118 23.53 5.86 1.20
C GLY A 118 22.51 4.84 1.68
N VAL A 119 21.65 4.41 0.76
CA VAL A 119 20.64 3.39 1.09
C VAL A 119 21.29 2.04 1.37
N PHE A 120 22.28 1.67 0.56
CA PHE A 120 23.08 0.49 0.84
C PHE A 120 23.69 0.54 2.25
N LEU A 121 24.32 1.66 2.59
CA LEU A 121 25.03 1.74 3.86
C LEU A 121 24.10 1.60 5.06
N CYS A 122 23.02 2.37 5.08
CA CYS A 122 22.07 2.32 6.21
C CYS A 122 21.39 0.97 6.31
N THR A 123 21.02 0.40 5.18
CA THR A 123 20.27 -0.85 5.16
C THR A 123 21.17 -1.98 5.68
N LYS A 124 22.41 -2.02 5.18
CA LYS A 124 23.35 -3.03 5.66
C LYS A 124 23.58 -2.88 7.16
N ALA A 125 23.79 -1.64 7.60
CA ALA A 125 24.07 -1.38 9.01
C ALA A 125 22.95 -1.90 9.92
N VAL A 126 21.70 -1.76 9.50
CA VAL A 126 20.59 -2.17 10.38
C VAL A 126 20.18 -3.62 10.16
N SER A 127 20.54 -4.17 9.00
CA SER A 127 20.22 -5.55 8.65
C SER A 127 20.60 -6.53 9.74
N LYS A 128 21.86 -6.46 10.18
CA LYS A 128 22.37 -7.40 11.17
C LYS A 128 21.58 -7.32 12.47
N LEU A 129 21.34 -6.10 12.94
CA LEU A 129 20.46 -5.88 14.10
C LEU A 129 19.11 -6.56 13.90
N MET A 130 18.50 -6.37 12.74
CA MET A 130 17.13 -6.85 12.53
C MET A 130 17.08 -8.36 12.40
N LEU A 131 18.09 -8.94 11.76
CA LEU A 131 18.19 -10.39 11.64
C LEU A 131 18.31 -11.06 13.02
N LYS A 132 19.17 -10.51 13.86
CA LYS A 132 19.43 -11.07 15.19
C LYS A 132 18.18 -11.05 16.06
N GLN A 133 17.47 -9.93 16.07
CA GLN A 133 16.27 -9.81 16.89
C GLN A 133 15.05 -10.41 16.19
N LYS A 134 15.26 -10.90 14.97
CA LYS A 134 14.21 -11.55 14.18
C LYS A 134 12.93 -10.70 13.98
N SER A 135 13.11 -9.39 13.78
CA SER A 135 12.00 -8.54 13.39
C SER A 135 12.56 -7.25 12.82
N GLY A 136 11.76 -6.56 12.02
CA GLY A 136 12.18 -5.27 11.48
C GLY A 136 11.50 -4.95 10.17
N ARG A 137 11.38 -3.65 9.88
CA ARG A 137 10.84 -3.22 8.60
C ARG A 137 11.66 -2.09 8.01
N ILE A 138 11.99 -2.22 6.73
CA ILE A 138 12.77 -1.20 6.05
C ILE A 138 11.93 -0.63 4.90
N ILE A 139 11.79 0.69 4.87
CA ILE A 139 11.08 1.33 3.78
C ILE A 139 12.03 2.30 3.10
N ASN A 140 12.24 2.08 1.81
CA ASN A 140 13.11 2.95 1.02
C ASN A 140 12.27 3.93 0.20
N ILE A 141 12.58 5.21 0.31
CA ILE A 141 11.84 6.20 -0.46
C ILE A 141 12.45 6.30 -1.85
N THR A 142 11.69 5.85 -2.85
CA THR A 142 12.13 5.97 -4.24
C THR A 142 11.40 7.16 -4.87
N SER A 143 11.15 7.13 -6.17
CA SER A 143 10.47 8.25 -6.84
C SER A 143 9.89 7.81 -8.17
N VAL A 144 8.81 8.45 -8.60
CA VAL A 144 8.21 8.08 -9.87
C VAL A 144 9.22 8.26 -11.00
N ALA A 145 10.16 9.18 -10.81
CA ALA A 145 11.21 9.42 -11.80
C ALA A 145 12.02 8.15 -12.05
N GLY A 146 12.22 7.36 -11.01
CA GLY A 146 12.94 6.10 -11.14
C GLY A 146 12.14 5.04 -11.90
N MET A 147 10.82 5.22 -11.93
CA MET A 147 9.92 4.23 -12.54
C MET A 147 9.55 4.57 -13.99
N MET A 148 9.50 5.85 -14.31
CA MET A 148 8.99 6.26 -15.62
C MET A 148 10.02 7.03 -16.44
N GLY A 149 11.09 7.48 -15.78
CA GLY A 149 12.08 8.33 -16.42
C GLY A 149 11.62 9.78 -16.43
N ASN A 150 12.58 10.70 -16.37
CA ASN A 150 12.26 12.13 -16.36
C ASN A 150 13.44 12.93 -16.89
N PRO A 151 13.26 13.65 -18.01
CA PRO A 151 14.34 14.45 -18.59
C PRO A 151 14.96 15.37 -17.54
N GLY A 152 16.28 15.48 -17.57
CA GLY A 152 16.99 16.29 -16.61
C GLY A 152 17.39 15.52 -15.37
N GLN A 153 16.94 14.28 -15.25
CA GLN A 153 17.19 13.51 -14.03
C GLN A 153 17.80 12.13 -14.27
N ALA A 154 18.69 12.03 -15.26
CA ALA A 154 19.29 10.72 -15.58
C ALA A 154 19.95 10.14 -14.33
N ASN A 155 20.54 11.02 -13.53
CA ASN A 155 21.18 10.59 -12.29
C ASN A 155 20.20 10.21 -11.19
N TYR A 156 19.17 11.02 -10.98
CA TYR A 156 18.20 10.77 -9.94
C TYR A 156 17.35 9.52 -10.31
N SER A 157 16.96 9.43 -11.56
CA SER A 157 16.17 8.27 -11.99
C SER A 157 16.98 6.98 -11.89
N ALA A 158 18.26 7.03 -12.27
CA ALA A 158 19.13 5.87 -12.11
C ALA A 158 19.26 5.45 -10.63
N ALA A 159 19.52 6.41 -9.76
CA ALA A 159 19.68 6.11 -8.34
C ALA A 159 18.38 5.52 -7.77
N LYS A 160 17.26 6.15 -8.08
CA LYS A 160 15.97 5.72 -7.50
C LYS A 160 15.47 4.40 -8.06
N ALA A 161 15.73 4.13 -9.35
CA ALA A 161 15.46 2.80 -9.90
C ALA A 161 16.36 1.77 -9.19
N GLY A 162 17.63 2.14 -8.99
CA GLY A 162 18.58 1.28 -8.27
C GLY A 162 18.06 0.88 -6.89
N VAL A 163 17.49 1.86 -6.19
CA VAL A 163 16.91 1.62 -4.87
C VAL A 163 15.81 0.55 -4.92
N ILE A 164 15.03 0.56 -5.99
CA ILE A 164 13.98 -0.43 -6.18
C ILE A 164 14.56 -1.84 -6.40
N GLY A 165 15.53 -1.97 -7.31
CA GLY A 165 16.20 -3.25 -7.52
C GLY A 165 16.87 -3.74 -6.24
N PHE A 166 17.47 -2.80 -5.49
CA PHE A 166 18.07 -3.10 -4.20
C PHE A 166 17.01 -3.59 -3.20
N THR A 167 15.89 -2.89 -3.17
CA THR A 167 14.78 -3.24 -2.29
C THR A 167 14.35 -4.70 -2.49
N LYS A 168 14.22 -5.11 -3.75
CA LYS A 168 13.76 -6.46 -4.07
C LYS A 168 14.74 -7.55 -3.59
N THR A 169 16.02 -7.32 -3.82
CA THR A 169 17.04 -8.30 -3.43
C THR A 169 17.10 -8.44 -1.92
N VAL A 170 17.17 -7.30 -1.24
CA VAL A 170 17.31 -7.31 0.21
C VAL A 170 16.05 -7.91 0.83
N ALA A 171 14.88 -7.63 0.23
CA ALA A 171 13.64 -8.26 0.67
C ALA A 171 13.77 -9.77 0.67
N LYS A 172 14.30 -10.31 -0.43
CA LYS A 172 14.51 -11.76 -0.49
C LYS A 172 15.49 -12.28 0.56
N GLU A 173 16.55 -11.51 0.84
CA GLU A 173 17.59 -11.96 1.77
C GLU A 173 17.14 -11.99 3.23
N LEU A 174 16.35 -11.00 3.63
CA LEU A 174 15.97 -10.84 5.04
C LEU A 174 14.63 -11.51 5.39
N ALA A 175 13.94 -12.02 4.37
CA ALA A 175 12.58 -12.53 4.54
C ALA A 175 12.46 -13.69 5.53
N SER A 176 13.43 -14.59 5.54
CA SER A 176 13.36 -15.80 6.35
C SER A 176 13.27 -15.46 7.83
N ARG A 177 13.73 -14.27 8.17
CA ARG A 177 13.66 -13.80 9.55
C ARG A 177 12.44 -12.91 9.78
N GLY A 178 11.58 -12.80 8.78
CA GLY A 178 10.36 -12.03 8.91
C GLY A 178 10.52 -10.52 8.74
N VAL A 179 11.73 -10.08 8.37
CA VAL A 179 12.01 -8.66 8.14
C VAL A 179 11.48 -8.25 6.76
N THR A 180 10.68 -7.19 6.70
CA THR A 180 10.14 -6.71 5.42
C THR A 180 10.97 -5.57 4.85
N VAL A 181 11.03 -5.49 3.53
CA VAL A 181 11.77 -4.44 2.86
C VAL A 181 10.92 -3.98 1.67
N ASN A 182 10.47 -2.73 1.73
CA ASN A 182 9.61 -2.18 0.70
C ASN A 182 10.07 -0.80 0.26
N ALA A 183 9.45 -0.30 -0.81
CA ALA A 183 9.72 1.06 -1.24
C ALA A 183 8.41 1.84 -1.35
N VAL A 184 8.52 3.15 -1.20
CA VAL A 184 7.37 4.02 -1.40
C VAL A 184 7.78 5.04 -2.45
N ALA A 185 6.95 5.19 -3.48
CA ALA A 185 7.28 6.06 -4.60
C ALA A 185 6.42 7.31 -4.59
N PRO A 186 6.95 8.42 -4.07
CA PRO A 186 6.10 9.62 -4.12
C PRO A 186 6.11 10.24 -5.51
N GLY A 187 5.03 10.91 -5.87
CA GLY A 187 4.98 11.63 -7.12
C GLY A 187 5.39 13.08 -6.86
N PHE A 188 4.57 14.01 -7.35
CA PHE A 188 4.80 15.42 -7.07
C PHE A 188 4.16 15.84 -5.75
N ILE A 189 5.00 16.12 -4.76
CA ILE A 189 4.53 16.42 -3.41
C ILE A 189 4.80 17.89 -3.08
N ALA A 190 3.82 18.58 -2.51
CA ALA A 190 4.01 19.97 -2.09
C ALA A 190 5.10 20.06 -1.02
N PRO A 201 2.29 22.37 -16.73
CA PRO A 201 3.56 21.63 -16.84
C PRO A 201 3.45 20.22 -16.27
N ILE A 202 2.86 20.13 -15.09
CA ILE A 202 2.92 18.89 -14.32
C ILE A 202 1.58 18.15 -14.16
N LEU A 203 0.50 18.91 -13.91
CA LEU A 203 -0.79 18.33 -13.52
C LEU A 203 -1.46 17.42 -14.56
N GLN A 204 -1.07 17.55 -15.82
CA GLN A 204 -1.63 16.71 -16.86
C GLN A 204 -1.32 15.23 -16.63
N PHE A 205 -0.26 14.95 -15.89
CA PHE A 205 0.14 13.57 -15.64
C PHE A 205 -0.42 13.01 -14.34
N ILE A 206 -1.18 13.82 -13.61
CA ILE A 206 -1.74 13.41 -12.34
C ILE A 206 -3.26 13.40 -12.41
N PRO A 207 -3.86 12.21 -12.57
CA PRO A 207 -5.33 12.09 -12.57
C PRO A 207 -6.03 12.80 -11.41
N LEU A 208 -5.49 12.74 -10.20
CA LEU A 208 -6.17 13.39 -9.07
C LEU A 208 -5.99 14.90 -9.08
N ALA A 209 -5.31 15.40 -10.11
CA ALA A 209 -5.30 16.83 -10.43
C ALA A 209 -4.84 17.75 -9.30
N ARG A 210 -4.00 17.22 -8.41
CA ARG A 210 -3.38 18.05 -7.38
C ARG A 210 -2.01 17.51 -6.97
N TYR A 211 -1.25 18.33 -6.25
CA TYR A 211 -0.03 17.90 -5.60
C TYR A 211 -0.39 17.02 -4.41
N GLY A 212 0.52 16.12 -4.04
CA GLY A 212 0.33 15.38 -2.80
C GLY A 212 0.86 16.20 -1.63
N GLN A 213 0.42 15.85 -0.42
CA GLN A 213 0.95 16.46 0.78
C GLN A 213 1.93 15.47 1.42
N PRO A 214 2.94 16.00 2.12
CA PRO A 214 3.92 15.12 2.77
C PRO A 214 3.26 14.07 3.66
N GLU A 215 2.19 14.46 4.32
CA GLU A 215 1.50 13.61 5.29
C GLU A 215 0.90 12.37 4.63
N GLU A 216 0.66 12.46 3.32
CA GLU A 216 0.04 11.36 2.57
C GLU A 216 1.08 10.31 2.19
N VAL A 217 2.32 10.76 1.95
CA VAL A 217 3.42 9.83 1.76
C VAL A 217 3.77 9.20 3.10
N ALA A 218 3.82 10.03 4.14
CA ALA A 218 4.16 9.59 5.49
C ALA A 218 3.18 8.55 6.04
N GLY A 219 1.91 8.70 5.74
CA GLY A 219 0.89 7.76 6.20
C GLY A 219 1.05 6.40 5.55
N THR A 220 1.43 6.40 4.28
CA THR A 220 1.68 5.17 3.56
C THR A 220 2.92 4.47 4.15
N ILE A 221 3.99 5.24 4.35
CA ILE A 221 5.17 4.71 4.99
C ILE A 221 4.83 4.16 6.38
N ARG A 222 4.04 4.91 7.13
CA ARG A 222 3.66 4.48 8.47
C ARG A 222 2.86 3.17 8.42
N PHE A 223 1.98 3.04 7.43
CA PHE A 223 1.24 1.79 7.24
C PHE A 223 2.20 0.62 7.07
N LEU A 224 3.08 0.72 6.08
CA LEU A 224 4.08 -0.31 5.85
C LEU A 224 4.93 -0.58 7.09
N ALA A 225 5.26 0.48 7.81
CA ALA A 225 6.19 0.39 8.94
C ALA A 225 5.57 -0.14 10.24
N THR A 226 4.27 0.06 10.42
CA THR A 226 3.67 -0.20 11.73
C THR A 226 2.40 -1.06 11.72
N ASP A 227 1.72 -1.16 10.58
CA ASP A 227 0.45 -1.89 10.52
C ASP A 227 0.69 -3.40 10.53
N PRO A 228 -0.01 -4.14 11.41
CA PRO A 228 0.09 -5.61 11.44
C PRO A 228 -0.17 -6.24 10.07
N ALA A 229 -1.09 -5.66 9.31
CA ALA A 229 -1.39 -6.17 7.97
C ALA A 229 -0.16 -6.21 7.09
N ALA A 230 0.72 -5.23 7.25
CA ALA A 230 1.89 -5.10 6.38
C ALA A 230 3.04 -6.07 6.69
N ALA A 231 2.81 -6.97 7.65
CA ALA A 231 3.78 -8.01 7.98
C ALA A 231 3.97 -9.00 6.82
N TYR A 232 2.96 -9.09 5.95
CA TYR A 232 2.99 -10.02 4.82
C TYR A 232 3.28 -9.28 3.53
N ILE A 233 3.77 -8.04 3.65
CA ILE A 233 4.07 -7.21 2.48
C ILE A 233 5.57 -6.94 2.39
N THR A 234 6.20 -7.41 1.31
CA THR A 234 7.61 -7.19 1.15
C THR A 234 8.01 -7.18 -0.32
N GLY A 235 9.07 -6.43 -0.63
CA GLY A 235 9.56 -6.32 -2.00
C GLY A 235 8.66 -5.51 -2.91
N GLN A 236 7.78 -4.70 -2.32
CA GLN A 236 6.81 -3.92 -3.08
C GLN A 236 7.22 -2.46 -3.27
N THR A 237 6.67 -1.84 -4.32
CA THR A 237 6.76 -0.40 -4.50
C THR A 237 5.36 0.23 -4.45
N PHE A 238 5.04 0.87 -3.34
CA PHE A 238 3.75 1.56 -3.18
C PHE A 238 3.82 3.01 -3.66
N ASN A 239 3.09 3.32 -4.72
CA ASN A 239 3.07 4.68 -5.25
C ASN A 239 2.09 5.61 -4.54
N VAL A 240 2.58 6.76 -4.09
CA VAL A 240 1.69 7.82 -3.58
C VAL A 240 1.82 9.01 -4.53
N ASP A 241 1.12 8.95 -5.67
CA ASP A 241 1.41 9.90 -6.74
C ASP A 241 0.18 10.43 -7.48
N GLY A 242 -0.99 10.34 -6.86
CA GLY A 242 -2.21 10.81 -7.47
C GLY A 242 -2.60 10.07 -8.75
N GLY A 243 -1.95 8.94 -9.00
CA GLY A 243 -2.25 8.14 -10.18
C GLY A 243 -1.28 8.31 -11.34
N MET A 244 -0.16 8.99 -11.09
CA MET A 244 0.81 9.29 -12.15
C MET A 244 1.36 8.03 -12.83
N VAL A 245 1.77 7.04 -12.05
CA VAL A 245 2.20 5.76 -12.59
C VAL A 245 1.07 4.73 -12.38
N MET A 246 0.43 4.35 -13.50
CA MET A 246 -0.86 3.59 -13.55
C MET A 246 -2.11 4.22 -12.86
N ALA B 3 -17.24 11.56 7.87
CA ALA B 3 -16.48 10.82 8.88
C ALA B 3 -16.73 9.32 8.80
N LEU B 4 -15.71 8.53 9.11
CA LEU B 4 -15.80 7.08 8.96
C LEU B 4 -17.02 6.46 9.66
N THR B 5 -17.43 7.04 10.78
CA THR B 5 -18.54 6.49 11.56
C THR B 5 -19.88 6.74 10.90
N ALA B 6 -19.87 7.59 9.86
CA ALA B 6 -21.07 7.84 9.08
C ALA B 6 -20.96 7.25 7.67
N GLN B 7 -19.82 6.65 7.34
CA GLN B 7 -19.61 6.10 6.00
C GLN B 7 -20.17 4.69 5.87
N VAL B 8 -20.36 4.27 4.62
CA VAL B 8 -20.92 2.94 4.32
C VAL B 8 -20.02 2.18 3.34
N ALA B 9 -19.77 0.92 3.65
CA ALA B 9 -19.00 0.06 2.76
C ALA B 9 -19.88 -1.04 2.20
N LEU B 10 -19.74 -1.31 0.91
CA LEU B 10 -20.36 -2.49 0.31
C LEU B 10 -19.24 -3.46 -0.06
N VAL B 11 -19.34 -4.69 0.44
CA VAL B 11 -18.34 -5.71 0.16
C VAL B 11 -19.02 -6.91 -0.50
N THR B 12 -18.60 -7.23 -1.72
CA THR B 12 -19.21 -8.34 -2.45
C THR B 12 -18.51 -9.66 -2.08
N GLY B 13 -19.27 -10.75 -2.02
CA GLY B 13 -18.72 -12.02 -1.56
C GLY B 13 -17.97 -11.87 -0.25
N ALA B 14 -18.69 -11.39 0.76
CA ALA B 14 -18.09 -11.04 2.03
C ALA B 14 -18.29 -12.10 3.12
N SER B 15 -18.71 -13.30 2.74
CA SER B 15 -19.15 -14.28 3.73
C SER B 15 -18.02 -15.02 4.44
N ARG B 16 -16.88 -15.15 3.76
CA ARG B 16 -15.76 -15.88 4.35
C ARG B 16 -14.42 -15.36 3.82
N GLY B 17 -13.32 -15.87 4.37
CA GLY B 17 -11.99 -15.53 3.91
C GLY B 17 -11.68 -14.04 3.84
N ILE B 18 -11.23 -13.59 2.68
CA ILE B 18 -10.80 -12.21 2.53
C ILE B 18 -11.97 -11.23 2.67
N GLY B 19 -13.12 -11.58 2.13
CA GLY B 19 -14.28 -10.70 2.16
C GLY B 19 -14.79 -10.50 3.58
N LYS B 20 -14.86 -11.60 4.32
CA LYS B 20 -15.26 -11.57 5.73
C LYS B 20 -14.32 -10.71 6.56
N ALA B 21 -13.02 -10.93 6.40
CA ALA B 21 -12.02 -10.15 7.13
C ALA B 21 -12.11 -8.68 6.74
N THR B 22 -12.37 -8.43 5.46
CA THR B 22 -12.47 -7.07 4.98
C THR B 22 -13.68 -6.38 5.57
N ALA B 23 -14.80 -7.11 5.66
CA ALA B 23 -16.00 -6.56 6.26
C ALA B 23 -15.76 -6.19 7.72
N LEU B 24 -15.18 -7.14 8.48
CA LEU B 24 -14.84 -6.90 9.88
C LEU B 24 -13.87 -5.71 10.04
N ALA B 25 -12.84 -5.66 9.20
CA ALA B 25 -11.86 -4.58 9.27
C ALA B 25 -12.50 -3.21 8.98
N LEU B 26 -13.30 -3.14 7.93
CA LEU B 26 -13.97 -1.88 7.60
C LEU B 26 -14.92 -1.44 8.72
N ALA B 27 -15.70 -2.36 9.27
CA ALA B 27 -16.62 -2.03 10.36
C ALA B 27 -15.86 -1.57 11.62
N ALA B 28 -14.67 -2.13 11.84
CA ALA B 28 -13.84 -1.76 12.98
C ALA B 28 -13.41 -0.29 12.93
N THR B 29 -13.36 0.29 11.72
CA THR B 29 -13.05 1.72 11.60
C THR B 29 -14.30 2.56 11.87
N GLY B 30 -15.45 1.90 12.00
CA GLY B 30 -16.69 2.59 12.29
C GLY B 30 -17.67 2.63 11.13
N MET B 31 -17.27 2.12 9.97
CA MET B 31 -18.15 2.09 8.79
C MET B 31 -19.27 1.11 8.99
N LYS B 32 -20.44 1.48 8.47
CA LYS B 32 -21.54 0.54 8.31
C LYS B 32 -21.24 -0.32 7.08
N VAL B 33 -21.51 -1.62 7.17
CA VAL B 33 -21.07 -2.53 6.13
C VAL B 33 -22.19 -3.41 5.61
N VAL B 34 -22.35 -3.42 4.28
CA VAL B 34 -23.24 -4.38 3.65
C VAL B 34 -22.44 -5.61 3.29
N VAL B 35 -22.84 -6.73 3.84
CA VAL B 35 -22.18 -8.01 3.65
C VAL B 35 -22.91 -8.75 2.55
N ASN B 36 -22.42 -8.66 1.33
CA ASN B 36 -23.06 -9.34 0.21
C ASN B 36 -22.65 -10.82 0.11
N TYR B 37 -23.58 -11.66 -0.29
CA TYR B 37 -23.33 -13.09 -0.45
C TYR B 37 -24.18 -13.59 -1.60
N ALA B 38 -23.81 -14.74 -2.15
CA ALA B 38 -24.56 -15.31 -3.28
C ALA B 38 -25.60 -16.36 -2.84
N GLN B 39 -25.19 -17.27 -1.96
CA GLN B 39 -26.03 -18.37 -1.50
C GLN B 39 -25.86 -18.58 0.01
N SER B 40 -24.60 -18.47 0.45
CA SER B 40 -24.19 -18.73 1.84
C SER B 40 -24.65 -17.66 2.83
N SER B 41 -25.96 -17.63 3.08
CA SER B 41 -26.54 -16.65 4.00
C SER B 41 -26.08 -16.86 5.44
N THR B 42 -25.87 -18.11 5.83
CA THR B 42 -25.47 -18.43 7.20
C THR B 42 -24.10 -17.86 7.55
N ALA B 43 -23.16 -18.00 6.62
CA ALA B 43 -21.83 -17.43 6.80
C ALA B 43 -21.97 -15.91 6.93
N ALA B 44 -22.73 -15.31 6.03
CA ALA B 44 -22.91 -13.87 6.03
C ALA B 44 -23.55 -13.38 7.33
N ASP B 45 -24.56 -14.10 7.81
CA ASP B 45 -25.25 -13.73 9.07
C ASP B 45 -24.28 -13.72 10.23
N ALA B 46 -23.34 -14.68 10.23
CA ALA B 46 -22.33 -14.76 11.28
C ALA B 46 -21.31 -13.61 11.20
N VAL B 47 -21.07 -13.12 9.99
CA VAL B 47 -20.19 -11.96 9.80
C VAL B 47 -20.87 -10.73 10.38
N VAL B 48 -22.12 -10.54 9.98
CA VAL B 48 -22.97 -9.48 10.50
C VAL B 48 -23.06 -9.52 12.03
N ALA B 49 -23.32 -10.71 12.58
CA ALA B 49 -23.41 -10.89 14.03
C ALA B 49 -22.12 -10.43 14.70
N GLU B 50 -20.98 -10.86 14.17
CA GLU B 50 -19.69 -10.48 14.73
C GLU B 50 -19.47 -8.96 14.68
N ILE B 51 -19.77 -8.36 13.54
CA ILE B 51 -19.75 -6.89 13.42
C ILE B 51 -20.61 -6.22 14.51
N ILE B 52 -21.85 -6.68 14.69
CA ILE B 52 -22.74 -6.11 15.69
C ILE B 52 -22.24 -6.34 17.12
N ALA B 53 -21.68 -7.53 17.36
CA ALA B 53 -21.09 -7.85 18.65
C ALA B 53 -19.90 -6.95 18.99
N ASN B 54 -19.13 -6.56 17.98
CA ASN B 54 -17.98 -5.69 18.22
C ASN B 54 -18.32 -4.21 18.14
N GLY B 55 -19.63 -3.90 18.14
CA GLY B 55 -20.10 -2.54 18.29
C GLY B 55 -20.33 -1.79 17.00
N GLY B 56 -20.78 -2.48 15.95
CA GLY B 56 -20.99 -1.84 14.66
C GLY B 56 -22.33 -2.15 14.03
N GLU B 57 -22.55 -1.62 12.83
CA GLU B 57 -23.77 -1.90 12.08
C GLU B 57 -23.46 -2.66 10.79
N ALA B 58 -24.36 -3.55 10.40
CA ALA B 58 -24.21 -4.33 9.19
C ALA B 58 -25.50 -5.05 8.85
N ILE B 59 -25.66 -5.36 7.57
CA ILE B 59 -26.76 -6.18 7.08
C ILE B 59 -26.21 -7.13 6.02
N ALA B 60 -26.85 -8.28 5.86
CA ALA B 60 -26.46 -9.24 4.84
C ALA B 60 -27.46 -9.15 3.69
N VAL B 61 -26.95 -8.91 2.48
CA VAL B 61 -27.81 -8.82 1.32
C VAL B 61 -27.39 -9.83 0.26
N GLN B 62 -28.34 -10.67 -0.14
CA GLN B 62 -28.09 -11.64 -1.18
C GLN B 62 -28.11 -11.01 -2.56
N ALA B 63 -27.12 -11.37 -3.37
CA ALA B 63 -27.04 -10.98 -4.77
C ALA B 63 -25.92 -11.73 -5.47
N ASN B 64 -26.23 -12.30 -6.63
CA ASN B 64 -25.21 -12.84 -7.53
C ASN B 64 -24.74 -11.69 -8.41
N VAL B 65 -23.51 -11.22 -8.19
CA VAL B 65 -23.06 -9.99 -8.87
C VAL B 65 -22.64 -10.14 -10.33
N ALA B 66 -22.76 -11.35 -10.87
CA ALA B 66 -22.64 -11.58 -12.32
C ALA B 66 -23.92 -11.18 -13.06
N ASN B 67 -25.00 -10.96 -12.32
CA ASN B 67 -26.31 -10.64 -12.91
C ASN B 67 -26.66 -9.16 -12.66
N ALA B 68 -26.82 -8.40 -13.74
CA ALA B 68 -27.10 -6.96 -13.64
C ALA B 68 -28.29 -6.60 -12.75
N ASP B 69 -29.38 -7.36 -12.90
CA ASP B 69 -30.63 -7.15 -12.16
C ASP B 69 -30.35 -7.16 -10.67
N GLU B 70 -29.61 -8.18 -10.25
CA GLU B 70 -29.33 -8.39 -8.84
C GLU B 70 -28.35 -7.35 -8.31
N VAL B 71 -27.43 -6.88 -9.15
CA VAL B 71 -26.52 -5.81 -8.75
C VAL B 71 -27.31 -4.54 -8.44
N ASP B 72 -28.23 -4.17 -9.33
CA ASP B 72 -29.15 -3.05 -9.07
C ASP B 72 -29.81 -3.19 -7.71
N GLN B 73 -30.33 -4.38 -7.40
CA GLN B 73 -31.05 -4.61 -6.15
C GLN B 73 -30.12 -4.55 -4.93
N LEU B 74 -28.89 -5.02 -5.11
CA LEU B 74 -27.89 -4.94 -4.05
C LEU B 74 -27.65 -3.47 -3.67
N ILE B 75 -27.48 -2.63 -4.69
CA ILE B 75 -27.28 -1.20 -4.45
C ILE B 75 -28.54 -0.56 -3.85
N LYS B 76 -29.68 -0.84 -4.46
CA LYS B 76 -30.97 -0.33 -4.00
C LYS B 76 -31.20 -0.61 -2.50
N THR B 77 -31.01 -1.86 -2.10
CA THR B 77 -31.17 -2.25 -0.70
C THR B 77 -30.17 -1.54 0.20
N THR B 78 -28.94 -1.38 -0.30
CA THR B 78 -27.89 -0.70 0.45
C THR B 78 -28.28 0.75 0.71
N LEU B 79 -28.78 1.41 -0.32
CA LEU B 79 -29.27 2.78 -0.18
C LEU B 79 -30.50 2.88 0.74
N ASP B 80 -31.43 1.93 0.64
CA ASP B 80 -32.61 1.96 1.51
C ASP B 80 -32.24 1.97 2.99
N LYS B 81 -31.35 1.06 3.36
CA LYS B 81 -30.91 0.90 4.74
C LYS B 81 -29.97 2.02 5.20
N PHE B 82 -28.93 2.30 4.40
CA PHE B 82 -27.85 3.17 4.85
C PHE B 82 -27.76 4.51 4.12
N SER B 83 -28.51 4.64 3.03
CA SER B 83 -28.72 5.91 2.35
C SER B 83 -27.52 6.50 1.58
N ARG B 84 -26.41 5.77 1.56
CA ARG B 84 -25.21 6.24 0.86
C ARG B 84 -24.22 5.09 0.67
N ILE B 85 -23.29 5.26 -0.27
CA ILE B 85 -22.17 4.33 -0.44
C ILE B 85 -20.84 5.07 -0.58
N ASP B 86 -19.91 4.79 0.33
CA ASP B 86 -18.61 5.46 0.36
C ASP B 86 -17.48 4.60 -0.17
N VAL B 87 -17.52 3.30 0.12
CA VAL B 87 -16.56 2.39 -0.49
C VAL B 87 -17.16 1.11 -1.03
N LEU B 88 -16.63 0.68 -2.17
CA LEU B 88 -17.01 -0.59 -2.76
C LEU B 88 -15.76 -1.45 -2.77
N VAL B 89 -15.90 -2.68 -2.31
CA VAL B 89 -14.82 -3.66 -2.45
C VAL B 89 -15.35 -4.77 -3.32
N ASN B 90 -14.84 -4.85 -4.55
CA ASN B 90 -15.20 -5.94 -5.45
C ASN B 90 -14.39 -7.20 -5.12
N ASN B 91 -14.93 -8.03 -4.25
CA ASN B 91 -14.20 -9.22 -3.81
C ASN B 91 -14.78 -10.55 -4.33
N ALA B 92 -16.04 -10.53 -4.80
CA ALA B 92 -16.67 -11.77 -5.24
C ALA B 92 -15.95 -12.40 -6.46
N GLY B 93 -15.64 -13.68 -6.35
CA GLY B 93 -14.95 -14.38 -7.43
C GLY B 93 -15.04 -15.89 -7.29
N ILE B 94 -14.79 -16.59 -8.39
CA ILE B 94 -14.70 -18.05 -8.38
C ILE B 94 -13.49 -18.48 -9.22
N THR B 95 -13.08 -19.74 -9.07
CA THR B 95 -12.11 -20.34 -9.98
C THR B 95 -12.77 -21.55 -10.61
N ARG B 96 -12.33 -21.89 -11.83
CA ARG B 96 -12.64 -23.19 -12.43
C ARG B 96 -11.36 -23.65 -13.09
N ASP B 97 -10.44 -24.19 -12.29
CA ASP B 97 -9.11 -24.48 -12.80
C ASP B 97 -9.07 -25.70 -13.71
N THR B 98 -8.29 -25.59 -14.78
CA THR B 98 -8.05 -26.67 -15.71
C THR B 98 -7.04 -26.14 -16.73
N LEU B 99 -6.15 -27.01 -17.22
CA LEU B 99 -5.23 -26.61 -18.28
C LEU B 99 -6.01 -26.08 -19.47
N LEU B 100 -5.40 -25.20 -20.24
CA LEU B 100 -6.07 -24.56 -21.37
C LEU B 100 -6.72 -25.57 -22.31
N LEU B 101 -5.98 -26.62 -22.65
CA LEU B 101 -6.41 -27.55 -23.69
C LEU B 101 -7.62 -28.40 -23.26
N ARG B 102 -7.96 -28.34 -21.97
CA ARG B 102 -9.12 -29.03 -21.41
C ARG B 102 -10.23 -28.09 -20.98
N MET B 103 -10.01 -26.79 -21.13
CA MET B 103 -10.95 -25.80 -20.58
C MET B 103 -12.21 -25.67 -21.44
N LYS B 104 -13.36 -26.06 -20.87
CA LYS B 104 -14.63 -25.89 -21.57
C LYS B 104 -14.95 -24.42 -21.65
N LEU B 105 -15.65 -24.00 -22.71
CA LEU B 105 -16.07 -22.61 -22.86
C LEU B 105 -16.85 -22.09 -21.64
N GLU B 106 -17.73 -22.92 -21.11
CA GLU B 106 -18.55 -22.52 -19.96
C GLU B 106 -17.69 -22.25 -18.73
N ASP B 107 -16.58 -22.97 -18.62
CA ASP B 107 -15.67 -22.76 -17.49
C ASP B 107 -14.83 -21.50 -17.66
N TRP B 108 -14.43 -21.23 -18.89
CA TRP B 108 -13.90 -19.91 -19.23
C TRP B 108 -14.96 -18.83 -18.91
N GLN B 109 -16.16 -18.99 -19.47
CA GLN B 109 -17.17 -17.92 -19.42
C GLN B 109 -17.68 -17.63 -17.99
N ALA B 110 -17.89 -18.66 -17.19
CA ALA B 110 -18.35 -18.44 -15.81
C ALA B 110 -17.33 -17.63 -14.99
N VAL B 111 -16.05 -17.87 -15.23
CA VAL B 111 -15.03 -17.12 -14.52
C VAL B 111 -14.95 -15.67 -15.01
N ILE B 112 -15.02 -15.48 -16.33
CA ILE B 112 -15.14 -14.13 -16.91
C ILE B 112 -16.41 -13.41 -16.42
N ASP B 113 -17.55 -14.10 -16.44
CA ASP B 113 -18.82 -13.47 -16.05
C ASP B 113 -18.76 -12.84 -14.65
N LEU B 114 -18.36 -13.62 -13.64
CA LEU B 114 -18.36 -13.11 -12.27
C LEU B 114 -17.16 -12.22 -11.96
N ASN B 115 -15.95 -12.75 -12.19
CA ASN B 115 -14.73 -12.11 -11.74
C ASN B 115 -14.40 -10.81 -12.46
N LEU B 116 -14.80 -10.71 -13.73
CA LEU B 116 -14.51 -9.53 -14.53
C LEU B 116 -15.77 -8.72 -14.84
N THR B 117 -16.76 -9.34 -15.47
CA THR B 117 -18.01 -8.62 -15.76
C THR B 117 -18.75 -8.18 -14.48
N GLY B 118 -18.69 -9.01 -13.44
CA GLY B 118 -19.26 -8.63 -12.15
C GLY B 118 -18.63 -7.36 -11.60
N VAL B 119 -17.33 -7.19 -11.84
CA VAL B 119 -16.62 -6.00 -11.39
C VAL B 119 -17.10 -4.77 -12.17
N PHE B 120 -17.27 -4.92 -13.48
CA PHE B 120 -17.85 -3.86 -14.32
C PHE B 120 -19.22 -3.42 -13.79
N LEU B 121 -20.08 -4.41 -13.53
CA LEU B 121 -21.46 -4.15 -13.14
C LEU B 121 -21.58 -3.41 -11.81
N CYS B 122 -20.90 -3.89 -10.77
CA CYS B 122 -20.90 -3.20 -9.46
C CYS B 122 -20.20 -1.86 -9.50
N THR B 123 -19.11 -1.77 -10.26
CA THR B 123 -18.35 -0.53 -10.31
C THR B 123 -19.15 0.52 -11.06
N LYS B 124 -19.77 0.14 -12.17
CA LYS B 124 -20.62 1.07 -12.90
C LYS B 124 -21.76 1.57 -12.00
N ALA B 125 -22.37 0.66 -11.25
CA ALA B 125 -23.50 1.00 -10.39
C ALA B 125 -23.16 2.01 -9.29
N VAL B 126 -22.02 1.82 -8.60
CA VAL B 126 -21.68 2.74 -7.52
C VAL B 126 -21.01 4.03 -8.01
N SER B 127 -20.47 4.00 -9.21
CA SER B 127 -19.74 5.15 -9.78
C SER B 127 -20.59 6.41 -9.83
N LYS B 128 -21.83 6.24 -10.28
CA LYS B 128 -22.76 7.34 -10.43
C LYS B 128 -23.01 8.00 -9.08
N LEU B 129 -23.29 7.17 -8.08
CA LEU B 129 -23.47 7.65 -6.71
C LEU B 129 -22.22 8.42 -6.25
N MET B 130 -21.05 7.82 -6.44
CA MET B 130 -19.82 8.43 -5.96
C MET B 130 -19.51 9.73 -6.71
N LEU B 131 -19.80 9.76 -8.01
CA LEU B 131 -19.56 10.99 -8.77
C LEU B 131 -20.46 12.12 -8.27
N LYS B 132 -21.70 11.78 -7.93
CA LYS B 132 -22.66 12.79 -7.43
C LYS B 132 -22.18 13.39 -6.11
N GLN B 133 -21.97 12.54 -5.10
CA GLN B 133 -21.54 13.03 -3.79
C GLN B 133 -20.09 13.55 -3.76
N LYS B 134 -19.39 13.45 -4.89
CA LYS B 134 -17.99 13.88 -4.99
C LYS B 134 -17.03 13.24 -3.97
N SER B 135 -17.21 11.95 -3.71
CA SER B 135 -16.28 11.22 -2.87
C SER B 135 -16.55 9.74 -3.03
N GLY B 136 -15.55 8.93 -2.71
CA GLY B 136 -15.70 7.49 -2.82
C GLY B 136 -14.38 6.77 -3.04
N ARG B 137 -14.33 5.51 -2.63
CA ARG B 137 -13.14 4.71 -2.87
C ARG B 137 -13.56 3.32 -3.28
N ILE B 138 -12.97 2.84 -4.37
CA ILE B 138 -13.31 1.54 -4.93
C ILE B 138 -12.04 0.70 -4.88
N ILE B 139 -12.14 -0.50 -4.33
CA ILE B 139 -10.99 -1.40 -4.27
C ILE B 139 -11.39 -2.72 -4.91
N ASN B 140 -10.70 -3.08 -5.99
CA ASN B 140 -10.95 -4.34 -6.69
C ASN B 140 -9.94 -5.40 -6.28
N ILE B 141 -10.44 -6.59 -5.95
CA ILE B 141 -9.55 -7.66 -5.53
C ILE B 141 -9.11 -8.39 -6.78
N THR B 142 -7.81 -8.29 -7.09
CA THR B 142 -7.26 -9.02 -8.22
C THR B 142 -6.51 -10.21 -7.64
N SER B 143 -5.43 -10.65 -8.27
CA SER B 143 -4.68 -11.78 -7.75
C SER B 143 -3.33 -11.87 -8.41
N VAL B 144 -2.34 -12.41 -7.71
CA VAL B 144 -1.01 -12.60 -8.28
C VAL B 144 -1.07 -13.43 -9.56
N ALA B 145 -2.03 -14.34 -9.64
CA ALA B 145 -2.22 -15.15 -10.85
C ALA B 145 -2.44 -14.24 -12.06
N GLY B 146 -3.12 -13.12 -11.84
CA GLY B 146 -3.35 -12.18 -12.91
C GLY B 146 -2.07 -11.47 -13.30
N MET B 147 -1.15 -11.33 -12.34
CA MET B 147 0.07 -10.56 -12.59
C MET B 147 1.22 -11.37 -13.17
N MET B 148 1.28 -12.64 -12.82
CA MET B 148 2.45 -13.43 -13.21
C MET B 148 2.09 -14.63 -14.08
N GLY B 149 0.82 -15.00 -14.06
CA GLY B 149 0.36 -16.17 -14.80
C GLY B 149 0.54 -17.39 -13.90
N ASN B 150 -0.29 -18.40 -14.14
CA ASN B 150 -0.29 -19.59 -13.30
C ASN B 150 -1.00 -20.71 -14.04
N PRO B 151 -0.29 -21.82 -14.30
CA PRO B 151 -0.87 -22.93 -15.09
C PRO B 151 -2.16 -23.43 -14.47
N GLY B 152 -3.12 -23.75 -15.33
CA GLY B 152 -4.42 -24.23 -14.88
C GLY B 152 -5.40 -23.09 -14.59
N GLN B 153 -4.97 -21.86 -14.77
CA GLN B 153 -5.82 -20.72 -14.44
C GLN B 153 -5.89 -19.68 -15.56
N ALA B 154 -5.92 -20.15 -16.82
CA ALA B 154 -5.98 -19.23 -17.95
C ALA B 154 -7.20 -18.34 -17.88
N ASN B 155 -8.33 -18.89 -17.44
CA ASN B 155 -9.53 -18.07 -17.26
C ASN B 155 -9.39 -17.07 -16.10
N TYR B 156 -9.01 -17.58 -14.94
CA TYR B 156 -8.88 -16.75 -13.73
C TYR B 156 -7.82 -15.65 -13.89
N SER B 157 -6.66 -16.00 -14.45
CA SER B 157 -5.62 -14.99 -14.64
C SER B 157 -6.04 -13.93 -15.66
N ALA B 158 -6.76 -14.36 -16.71
CA ALA B 158 -7.28 -13.42 -17.69
C ALA B 158 -8.28 -12.46 -17.03
N ALA B 159 -9.18 -13.00 -16.23
CA ALA B 159 -10.17 -12.17 -15.52
C ALA B 159 -9.52 -11.20 -14.52
N LYS B 160 -8.62 -11.73 -13.70
CA LYS B 160 -7.99 -10.91 -12.68
C LYS B 160 -7.07 -9.85 -13.28
N ALA B 161 -6.41 -10.15 -14.39
CA ALA B 161 -5.60 -9.13 -15.06
C ALA B 161 -6.54 -8.09 -15.71
N GLY B 162 -7.66 -8.57 -16.25
CA GLY B 162 -8.66 -7.67 -16.81
C GLY B 162 -9.07 -6.64 -15.77
N VAL B 163 -9.25 -7.10 -14.54
CA VAL B 163 -9.64 -6.25 -13.43
C VAL B 163 -8.64 -5.12 -13.21
N ILE B 164 -7.36 -5.42 -13.38
CA ILE B 164 -6.31 -4.43 -13.18
C ILE B 164 -6.37 -3.34 -14.24
N GLY B 165 -6.50 -3.75 -15.51
CA GLY B 165 -6.68 -2.78 -16.60
C GLY B 165 -7.93 -1.94 -16.42
N PHE B 166 -9.01 -2.58 -16.00
CA PHE B 166 -10.27 -1.90 -15.74
C PHE B 166 -10.06 -0.85 -14.63
N THR B 167 -9.34 -1.24 -13.59
CA THR B 167 -9.04 -0.37 -12.46
C THR B 167 -8.31 0.92 -12.88
N LYS B 168 -7.32 0.79 -13.76
CA LYS B 168 -6.55 1.95 -14.19
C LYS B 168 -7.40 2.95 -14.99
N THR B 169 -8.25 2.42 -15.88
CA THR B 169 -9.13 3.26 -16.68
C THR B 169 -10.13 4.00 -15.80
N VAL B 170 -10.85 3.23 -14.99
CA VAL B 170 -11.85 3.82 -14.10
C VAL B 170 -11.22 4.80 -13.11
N ALA B 171 -10.02 4.50 -12.62
CA ALA B 171 -9.30 5.47 -11.78
C ALA B 171 -9.18 6.81 -12.50
N LYS B 172 -8.84 6.76 -13.79
CA LYS B 172 -8.70 8.00 -14.58
C LYS B 172 -10.03 8.70 -14.83
N GLU B 173 -11.09 7.93 -15.05
CA GLU B 173 -12.40 8.52 -15.29
C GLU B 173 -12.99 9.24 -14.08
N LEU B 174 -12.75 8.70 -12.88
CA LEU B 174 -13.39 9.24 -11.68
C LEU B 174 -12.49 10.17 -10.87
N ALA B 175 -11.24 10.33 -11.30
CA ALA B 175 -10.24 11.02 -10.51
C ALA B 175 -10.58 12.51 -10.29
N SER B 176 -11.16 13.13 -11.32
CA SER B 176 -11.49 14.56 -11.27
C SER B 176 -12.43 14.88 -10.12
N ARG B 177 -13.25 13.89 -9.73
CA ARG B 177 -14.12 14.04 -8.57
C ARG B 177 -13.49 13.54 -7.27
N GLY B 178 -12.24 13.11 -7.34
CA GLY B 178 -11.52 12.71 -6.14
C GLY B 178 -11.80 11.28 -5.69
N VAL B 179 -12.61 10.57 -6.45
CA VAL B 179 -12.89 9.15 -6.18
C VAL B 179 -11.66 8.32 -6.53
N THR B 180 -11.12 7.56 -5.56
CA THR B 180 -9.99 6.68 -5.86
C THR B 180 -10.44 5.30 -6.31
N VAL B 181 -9.63 4.66 -7.16
CA VAL B 181 -9.91 3.31 -7.66
C VAL B 181 -8.61 2.51 -7.67
N ASN B 182 -8.56 1.47 -6.85
CA ASN B 182 -7.32 0.70 -6.68
C ASN B 182 -7.57 -0.79 -6.72
N ALA B 183 -6.49 -1.55 -6.86
CA ALA B 183 -6.59 -3.01 -6.80
C ALA B 183 -5.69 -3.54 -5.68
N VAL B 184 -6.11 -4.64 -5.07
CA VAL B 184 -5.28 -5.34 -4.09
C VAL B 184 -5.07 -6.76 -4.59
N ALA B 185 -3.81 -7.20 -4.67
CA ALA B 185 -3.50 -8.53 -5.16
C ALA B 185 -3.03 -9.45 -4.04
N PRO B 186 -3.92 -10.31 -3.54
CA PRO B 186 -3.43 -11.28 -2.56
C PRO B 186 -2.65 -12.38 -3.26
N GLY B 187 -1.66 -12.94 -2.57
CA GLY B 187 -0.97 -14.12 -3.05
C GLY B 187 -1.67 -15.35 -2.51
N PHE B 188 -0.90 -16.28 -1.96
CA PHE B 188 -1.45 -17.49 -1.37
C PHE B 188 -1.88 -17.23 0.07
N ILE B 189 -3.20 -17.17 0.28
CA ILE B 189 -3.76 -16.81 1.58
C ILE B 189 -4.43 -18.01 2.23
N ALA B 190 -4.21 -18.19 3.53
CA ALA B 190 -4.88 -19.25 4.28
C ALA B 190 -6.32 -18.84 4.58
N PRO B 201 4.65 -27.53 -2.62
CA PRO B 201 4.39 -27.07 -3.99
C PRO B 201 4.41 -25.56 -4.13
N ILE B 202 4.29 -24.81 -3.03
CA ILE B 202 4.03 -23.38 -3.12
C ILE B 202 5.08 -22.43 -2.49
N LEU B 203 5.55 -22.77 -1.29
CA LEU B 203 6.36 -21.85 -0.48
C LEU B 203 7.70 -21.39 -1.08
N GLN B 204 8.23 -22.11 -2.06
CA GLN B 204 9.50 -21.72 -2.68
C GLN B 204 9.38 -20.39 -3.43
N PHE B 205 8.14 -19.99 -3.69
CA PHE B 205 7.89 -18.77 -4.45
C PHE B 205 7.52 -17.61 -3.51
N ILE B 206 7.44 -17.90 -2.22
CA ILE B 206 7.07 -16.90 -1.21
C ILE B 206 8.25 -16.60 -0.28
N PRO B 207 8.97 -15.49 -0.53
CA PRO B 207 10.11 -15.15 0.32
C PRO B 207 9.79 -15.19 1.81
N LEU B 208 8.62 -14.72 2.22
CA LEU B 208 8.30 -14.70 3.65
C LEU B 208 8.01 -16.11 4.20
N ALA B 209 7.98 -17.11 3.33
CA ALA B 209 7.97 -18.52 3.75
C ALA B 209 6.73 -18.93 4.54
N ARG B 210 5.58 -18.34 4.22
CA ARG B 210 4.32 -18.72 4.85
C ARG B 210 3.12 -18.24 4.04
N TYR B 211 1.96 -18.83 4.31
CA TYR B 211 0.74 -18.34 3.72
C TYR B 211 0.39 -17.03 4.40
N GLY B 212 -0.30 -16.15 3.68
CA GLY B 212 -0.84 -14.96 4.31
C GLY B 212 -2.13 -15.26 5.05
N GLN B 213 -2.52 -14.35 5.95
CA GLN B 213 -3.81 -14.47 6.63
C GLN B 213 -4.75 -13.45 6.03
N PRO B 214 -6.05 -13.79 5.98
CA PRO B 214 -7.09 -12.90 5.41
C PRO B 214 -7.12 -11.52 6.06
N GLU B 215 -6.80 -11.45 7.35
CA GLU B 215 -6.72 -10.17 8.06
C GLU B 215 -5.65 -9.26 7.44
N GLU B 216 -4.60 -9.85 6.89
CA GLU B 216 -3.51 -9.07 6.33
C GLU B 216 -3.91 -8.40 5.02
N VAL B 217 -4.74 -9.09 4.23
CA VAL B 217 -5.29 -8.53 3.00
C VAL B 217 -6.34 -7.47 3.34
N ALA B 218 -7.23 -7.84 4.28
CA ALA B 218 -8.26 -6.95 4.78
C ALA B 218 -7.69 -5.63 5.31
N GLY B 219 -6.63 -5.72 6.10
CA GLY B 219 -6.01 -4.53 6.69
C GLY B 219 -5.51 -3.57 5.63
N THR B 220 -4.96 -4.15 4.55
CA THR B 220 -4.48 -3.38 3.40
C THR B 220 -5.65 -2.75 2.61
N ILE B 221 -6.71 -3.52 2.37
CA ILE B 221 -7.92 -2.99 1.76
C ILE B 221 -8.46 -1.83 2.59
N ARG B 222 -8.43 -2.00 3.91
CA ARG B 222 -8.94 -0.99 4.82
C ARG B 222 -8.06 0.26 4.81
N PHE B 223 -6.75 0.10 4.66
CA PHE B 223 -5.88 1.27 4.47
C PHE B 223 -6.32 2.08 3.25
N LEU B 224 -6.47 1.40 2.13
CA LEU B 224 -6.84 2.09 0.89
C LEU B 224 -8.22 2.72 1.02
N ALA B 225 -9.12 2.01 1.68
CA ALA B 225 -10.53 2.39 1.76
C ALA B 225 -10.80 3.51 2.75
N THR B 226 -9.95 3.65 3.76
CA THR B 226 -10.31 4.52 4.89
C THR B 226 -9.22 5.47 5.39
N ASP B 227 -7.96 5.18 5.09
CA ASP B 227 -6.88 6.04 5.57
C ASP B 227 -6.84 7.38 4.82
N PRO B 228 -6.70 8.49 5.57
CA PRO B 228 -6.54 9.79 4.93
C PRO B 228 -5.36 9.81 3.95
N ALA B 229 -4.31 9.04 4.25
CA ALA B 229 -3.13 9.02 3.38
C ALA B 229 -3.46 8.51 1.98
N ALA B 230 -4.42 7.59 1.90
CA ALA B 230 -4.72 6.94 0.62
C ALA B 230 -5.65 7.78 -0.26
N ALA B 231 -5.97 8.99 0.18
CA ALA B 231 -6.76 9.88 -0.67
C ALA B 231 -5.98 10.25 -1.91
N TYR B 232 -4.66 10.11 -1.85
CA TYR B 232 -3.81 10.48 -2.97
C TYR B 232 -3.27 9.26 -3.70
N ILE B 233 -3.91 8.12 -3.46
CA ILE B 233 -3.50 6.86 -4.08
C ILE B 233 -4.64 6.34 -4.95
N THR B 234 -4.39 6.20 -6.26
CA THR B 234 -5.39 5.69 -7.17
C THR B 234 -4.72 5.01 -8.38
N GLY B 235 -5.37 4.02 -8.96
CA GLY B 235 -4.85 3.31 -10.11
C GLY B 235 -3.73 2.32 -9.79
N GLN B 236 -3.54 2.04 -8.50
CA GLN B 236 -2.45 1.17 -8.05
C GLN B 236 -2.89 -0.26 -7.80
N THR B 237 -1.90 -1.15 -7.84
CA THR B 237 -2.09 -2.53 -7.42
C THR B 237 -1.18 -2.86 -6.23
N PHE B 238 -1.77 -3.01 -5.04
CA PHE B 238 -0.99 -3.35 -3.85
C PHE B 238 -0.96 -4.85 -3.60
N ASN B 239 0.23 -5.45 -3.65
CA ASN B 239 0.33 -6.90 -3.40
C ASN B 239 0.45 -7.23 -1.93
N VAL B 240 -0.37 -8.18 -1.48
CA VAL B 240 -0.25 -8.73 -0.14
C VAL B 240 0.04 -10.21 -0.35
N ASP B 241 1.31 -10.52 -0.57
CA ASP B 241 1.66 -11.84 -1.13
C ASP B 241 2.98 -12.39 -0.63
N GLY B 242 3.44 -11.91 0.52
CA GLY B 242 4.71 -12.36 1.06
C GLY B 242 5.93 -12.15 0.17
N GLY B 243 5.79 -11.34 -0.89
CA GLY B 243 6.91 -11.04 -1.77
C GLY B 243 6.94 -11.87 -3.05
N MET B 244 5.83 -12.55 -3.34
CA MET B 244 5.75 -13.45 -4.50
C MET B 244 5.97 -12.75 -5.84
N VAL B 245 5.39 -11.56 -6.01
CA VAL B 245 5.60 -10.75 -7.21
C VAL B 245 6.40 -9.51 -6.82
N MET B 246 7.66 -9.46 -7.27
CA MET B 246 8.71 -8.51 -6.82
C MET B 246 9.08 -8.57 -5.30
#